data_4ZYY
#
_entry.id   4ZYY
#
_cell.length_a   75.005
_cell.length_b   75.005
_cell.length_c   100.853
_cell.angle_alpha   90.000
_cell.angle_beta   90.000
_cell.angle_gamma   120.000
#
_symmetry.space_group_name_H-M   'P 32 2 1'
#
loop_
_entity.id
_entity.type
_entity.pdbx_description
1 polymer 'Trifunctional purine biosynthetic protein adenosine-3'
2 non-polymer 'GLYCINAMIDE RIBONUCLEOTIDE'
3 non-polymer '(S)-2-({5-[4-(2-Amino-4-oxo-4,7-dihydro-3H-pyrrolo[2,3-d]-pyrimidin-6-yl)butyl]thiophene-3-carbonyl}amino)pentanedioic acid'
4 water water
#
_entity_poly.entity_id   1
_entity_poly.type   'polypeptide(L)'
_entity_poly.pdbx_seq_one_letter_code
;MARVAVLISGTGSNLQALIDSTREPNSSAQIDIVISNKAAVAGLDKAERAGIPTRVINHKLYKNRVEFDSAIDLVLEEFS
IDIVCLAGFMRILSGPFVQKWNGKMLNIHPSLLPSFKGSNAHEQALETGVTVTGCTVHFVAEDVDAGQIILQEAVPVKRG
DTVATLSERVKLAEHKIFPAALQLVASGTVQLGENGKICWVKEEHHHHHH
;
_entity_poly.pdbx_strand_id   A
#
loop_
_chem_comp.id
_chem_comp.type
_chem_comp.name
_chem_comp.formula
3YC non-polymer '(S)-2-({5-[4-(2-Amino-4-oxo-4,7-dihydro-3H-pyrrolo[2,3-d]-pyrimidin-6-yl)butyl]thiophene-3-carbonyl}amino)pentanedioic acid' 'C20 H23 N5 O6 S'
GAR non-polymer 'GLYCINAMIDE RIBONUCLEOTIDE' 'C7 H13 N2 O8 P -2'
#
# COMPACT_ATOMS: atom_id res chain seq x y z
N ALA A 2 12.05 -10.30 -6.64
CA ALA A 2 12.08 -8.92 -6.14
C ALA A 2 11.90 -8.89 -4.63
N ARG A 3 12.66 -8.02 -3.96
CA ARG A 3 12.64 -7.91 -2.51
C ARG A 3 11.70 -6.80 -2.08
N VAL A 4 10.77 -7.11 -1.18
CA VAL A 4 9.67 -6.20 -0.87
C VAL A 4 9.65 -5.78 0.60
N ALA A 5 9.42 -4.48 0.83
CA ALA A 5 9.10 -4.00 2.15
C ALA A 5 7.60 -3.68 2.21
N VAL A 6 6.93 -4.06 3.30
CA VAL A 6 5.54 -3.65 3.50
C VAL A 6 5.46 -2.68 4.66
N LEU A 7 4.90 -1.50 4.41
CA LEU A 7 4.77 -0.50 5.45
C LEU A 7 3.32 -0.48 5.92
N ILE A 8 3.12 -0.44 7.23
CA ILE A 8 1.78 -0.53 7.80
C ILE A 8 1.61 0.53 8.89
N SER A 9 0.36 0.76 9.30
CA SER A 9 0.08 1.63 10.45
C SER A 9 -0.91 0.99 11.43
N GLY A 10 -1.44 -0.19 11.08
CA GLY A 10 -2.52 -0.76 11.87
C GLY A 10 -2.74 -2.26 11.79
N THR A 11 -3.98 -2.65 11.47
CA THR A 11 -4.45 -4.04 11.56
C THR A 11 -3.64 -5.03 10.74
N GLY A 12 -3.37 -4.69 9.49
CA GLY A 12 -2.52 -5.50 8.64
C GLY A 12 -3.23 -6.61 7.88
N SER A 13 -4.52 -6.46 7.59
CA SER A 13 -5.20 -7.48 6.77
C SER A 13 -4.62 -7.50 5.35
N ASN A 14 -4.29 -6.34 4.81
CA ASN A 14 -3.64 -6.30 3.50
C ASN A 14 -2.24 -6.93 3.56
N LEU A 15 -1.48 -6.64 4.60
CA LEU A 15 -0.20 -7.32 4.82
C LEU A 15 -0.36 -8.83 4.84
N GLN A 16 -1.36 -9.34 5.54
CA GLN A 16 -1.54 -10.79 5.61
C GLN A 16 -1.83 -11.38 4.23
N ALA A 17 -2.63 -10.68 3.43
CA ALA A 17 -2.92 -11.15 2.08
C ALA A 17 -1.65 -11.16 1.21
N LEU A 18 -0.78 -10.18 1.41
CA LEU A 18 0.49 -10.12 0.69
C LEU A 18 1.43 -11.23 1.17
N ILE A 19 1.46 -11.50 2.47
CA ILE A 19 2.25 -12.61 2.99
C ILE A 19 1.81 -13.92 2.34
N ASP A 20 0.51 -14.18 2.36
CA ASP A 20 -0.05 -15.39 1.76
C ASP A 20 0.32 -15.52 0.29
N SER A 21 0.13 -14.45 -0.47
N SER A 21 0.13 -14.46 -0.48
CA SER A 21 0.38 -14.48 -1.90
CA SER A 21 0.38 -14.52 -1.91
C SER A 21 1.85 -14.66 -2.24
C SER A 21 1.86 -14.68 -2.23
N THR A 22 2.72 -13.97 -1.51
CA THR A 22 4.15 -13.95 -1.85
C THR A 22 4.85 -15.24 -1.45
N ARG A 23 4.14 -16.10 -0.72
CA ARG A 23 4.69 -17.40 -0.35
C ARG A 23 4.26 -18.52 -1.29
N GLU A 24 3.38 -18.23 -2.24
CA GLU A 24 3.04 -19.18 -3.29
C GLU A 24 4.28 -19.44 -4.15
N PRO A 25 4.47 -20.68 -4.63
CA PRO A 25 5.70 -21.04 -5.35
C PRO A 25 6.00 -20.10 -6.51
N ASN A 26 4.99 -19.70 -7.27
CA ASN A 26 5.25 -18.86 -8.45
C ASN A 26 5.36 -17.38 -8.16
N SER A 27 5.35 -17.00 -6.87
CA SER A 27 5.50 -15.58 -6.52
C SER A 27 6.85 -15.01 -6.94
N SER A 28 6.83 -13.86 -7.60
N SER A 28 6.84 -13.86 -7.59
CA SER A 28 8.04 -13.15 -7.99
CA SER A 28 8.07 -13.19 -7.98
C SER A 28 8.49 -12.18 -6.92
C SER A 28 8.48 -12.16 -6.93
N ALA A 29 7.74 -12.13 -5.83
CA ALA A 29 8.04 -11.22 -4.73
C ALA A 29 8.30 -11.95 -3.42
N GLN A 30 9.24 -11.43 -2.64
CA GLN A 30 9.45 -11.92 -1.27
C GLN A 30 9.38 -10.73 -0.32
N ILE A 31 8.68 -10.90 0.80
CA ILE A 31 8.60 -9.84 1.79
C ILE A 31 9.72 -10.01 2.79
N ASP A 32 10.63 -9.04 2.85
CA ASP A 32 11.83 -9.16 3.66
C ASP A 32 11.82 -8.30 4.92
N ILE A 33 10.87 -7.38 4.99
CA ILE A 33 10.80 -6.49 6.15
C ILE A 33 9.42 -5.85 6.21
N VAL A 34 8.90 -5.73 7.43
CA VAL A 34 7.67 -5.00 7.66
C VAL A 34 7.98 -3.81 8.57
N ILE A 35 7.60 -2.62 8.14
CA ILE A 35 7.86 -1.39 8.91
C ILE A 35 6.55 -0.75 9.32
N SER A 36 6.42 -0.46 10.62
CA SER A 36 5.25 0.26 11.11
C SER A 36 5.67 1.59 11.69
N ASN A 37 4.87 2.63 11.46
CA ASN A 37 5.13 3.91 12.10
C ASN A 37 4.49 3.96 13.48
N LYS A 38 3.80 2.88 13.84
CA LYS A 38 3.08 2.82 15.12
C LYS A 38 3.36 1.52 15.86
N ALA A 39 3.58 1.62 17.16
CA ALA A 39 3.92 0.46 17.97
C ALA A 39 2.67 -0.32 18.36
N ALA A 40 2.86 -1.62 18.62
CA ALA A 40 1.83 -2.46 19.22
C ALA A 40 0.56 -2.55 18.37
N VAL A 41 0.72 -2.51 17.05
CA VAL A 41 -0.42 -2.69 16.17
C VAL A 41 -0.46 -4.15 15.70
N ALA A 42 -1.64 -4.62 15.32
CA ALA A 42 -1.86 -6.03 15.02
C ALA A 42 -1.04 -6.53 13.82
N GLY A 43 -0.78 -5.65 12.85
CA GLY A 43 0.02 -6.01 11.69
C GLY A 43 1.40 -6.53 12.07
N LEU A 44 1.95 -6.01 13.17
CA LEU A 44 3.27 -6.45 13.63
C LEU A 44 3.20 -7.89 14.15
N ASP A 45 2.10 -8.24 14.81
CA ASP A 45 1.87 -9.61 15.27
C ASP A 45 1.81 -10.57 14.09
N LYS A 46 1.14 -10.12 13.01
CA LYS A 46 0.97 -10.94 11.83
C LYS A 46 2.31 -11.21 11.18
N ALA A 47 3.16 -10.18 11.16
CA ALA A 47 4.48 -10.30 10.55
C ALA A 47 5.36 -11.25 11.36
N GLU A 48 5.38 -11.06 12.68
CA GLU A 48 6.20 -11.88 13.56
C GLU A 48 5.75 -13.33 13.46
N ARG A 49 4.44 -13.53 13.48
CA ARG A 49 3.86 -14.87 13.36
C ARG A 49 4.29 -15.54 12.05
N ALA A 50 4.55 -14.73 11.02
CA ALA A 50 4.98 -15.26 9.74
C ALA A 50 6.50 -15.34 9.62
N GLY A 51 7.20 -14.92 10.66
CA GLY A 51 8.65 -15.02 10.68
C GLY A 51 9.33 -13.95 9.84
N ILE A 52 8.64 -12.83 9.65
CA ILE A 52 9.19 -11.69 8.93
C ILE A 52 9.68 -10.65 9.92
N PRO A 53 10.92 -10.14 9.73
CA PRO A 53 11.49 -9.05 10.53
C PRO A 53 10.58 -7.82 10.58
N THR A 54 10.54 -7.15 11.73
CA THR A 54 9.77 -5.93 11.87
C THR A 54 10.63 -4.79 12.42
N ARG A 55 10.30 -3.57 12.03
N ARG A 55 10.29 -3.58 12.02
CA ARG A 55 10.92 -2.39 12.62
CA ARG A 55 10.88 -2.37 12.61
C ARG A 55 9.85 -1.32 12.83
C ARG A 55 9.79 -1.36 12.86
N VAL A 56 9.85 -0.70 14.01
CA VAL A 56 8.94 0.40 14.29
C VAL A 56 9.71 1.69 14.16
N ILE A 57 9.25 2.57 13.28
CA ILE A 57 9.88 3.87 13.11
C ILE A 57 8.85 4.92 13.47
N ASN A 58 8.87 5.30 14.74
CA ASN A 58 7.91 6.24 15.29
C ASN A 58 8.08 7.64 14.71
N HIS A 59 7.16 8.04 13.83
CA HIS A 59 7.21 9.37 13.22
C HIS A 59 7.18 10.48 14.28
N LYS A 60 6.74 10.13 15.48
N LYS A 60 6.74 10.13 15.48
CA LYS A 60 6.65 11.07 16.61
CA LYS A 60 6.65 11.10 16.59
C LYS A 60 8.02 11.51 17.12
C LYS A 60 8.01 11.52 17.13
N LEU A 61 9.08 10.87 16.67
CA LEU A 61 10.41 11.13 17.22
C LEU A 61 11.33 11.90 16.28
N TYR A 62 10.78 12.39 15.17
CA TYR A 62 11.60 13.06 14.16
C TYR A 62 11.16 14.51 13.97
N LYS A 63 12.13 15.36 13.63
CA LYS A 63 11.88 16.79 13.50
C LYS A 63 10.87 17.07 12.39
N ASN A 64 11.04 16.39 11.26
CA ASN A 64 10.15 16.59 10.12
C ASN A 64 9.94 15.34 9.28
N ARG A 65 9.12 15.49 8.25
CA ARG A 65 8.77 14.39 7.35
C ARG A 65 10.00 13.80 6.66
N VAL A 66 10.91 14.68 6.25
CA VAL A 66 12.12 14.24 5.55
C VAL A 66 13.02 13.34 6.40
N GLU A 67 13.19 13.69 7.68
CA GLU A 67 14.02 12.90 8.59
C GLU A 67 13.38 11.55 8.87
N PHE A 68 12.06 11.55 9.00
CA PHE A 68 11.31 10.31 9.22
C PHE A 68 11.47 9.37 8.03
N ASP A 69 11.22 9.89 6.83
CA ASP A 69 11.36 9.11 5.61
C ASP A 69 12.80 8.61 5.44
N SER A 70 13.76 9.42 5.86
N SER A 70 13.77 9.42 5.84
CA SER A 70 15.16 9.02 5.78
CA SER A 70 15.17 9.03 5.78
C SER A 70 15.42 7.80 6.65
C SER A 70 15.42 7.80 6.65
N ALA A 71 14.76 7.75 7.80
CA ALA A 71 14.88 6.61 8.70
C ALA A 71 14.29 5.36 8.06
N ILE A 72 13.15 5.54 7.38
CA ILE A 72 12.55 4.42 6.66
C ILE A 72 13.53 3.95 5.59
N ASP A 73 14.02 4.89 4.78
CA ASP A 73 14.89 4.58 3.67
C ASP A 73 16.14 3.82 4.10
N LEU A 74 16.68 4.17 5.26
CA LEU A 74 17.84 3.46 5.80
C LEU A 74 17.53 1.98 5.97
N VAL A 75 16.33 1.67 6.47
CA VAL A 75 15.94 0.28 6.70
C VAL A 75 15.74 -0.41 5.34
N LEU A 76 15.12 0.29 4.41
CA LEU A 76 14.95 -0.23 3.06
C LEU A 76 16.29 -0.62 2.45
N GLU A 77 17.30 0.23 2.62
CA GLU A 77 18.65 -0.06 2.09
C GLU A 77 19.29 -1.23 2.84
N GLU A 78 19.11 -1.26 4.16
CA GLU A 78 19.58 -2.36 4.98
C GLU A 78 19.12 -3.73 4.45
N PHE A 79 17.86 -3.80 4.02
CA PHE A 79 17.31 -5.07 3.55
C PHE A 79 17.32 -5.19 2.03
N SER A 80 18.11 -4.35 1.36
N SER A 80 18.07 -4.31 1.37
CA SER A 80 18.23 -4.39 -0.09
CA SER A 80 18.23 -4.34 -0.09
C SER A 80 16.87 -4.47 -0.80
C SER A 80 16.90 -4.44 -0.82
N ILE A 81 15.96 -3.59 -0.43
CA ILE A 81 14.59 -3.63 -0.96
C ILE A 81 14.48 -3.11 -2.40
N ASP A 82 13.69 -3.81 -3.21
CA ASP A 82 13.39 -3.43 -4.59
C ASP A 82 12.06 -2.69 -4.73
N ILE A 83 11.07 -3.14 -3.96
CA ILE A 83 9.71 -2.66 -4.08
C ILE A 83 9.14 -2.37 -2.69
N VAL A 84 8.43 -1.24 -2.56
CA VAL A 84 7.76 -0.87 -1.33
C VAL A 84 6.23 -0.92 -1.49
N CYS A 85 5.55 -1.62 -0.59
CA CYS A 85 4.08 -1.64 -0.56
C CYS A 85 3.54 -0.88 0.66
N LEU A 86 2.70 0.12 0.43
CA LEU A 86 2.04 0.83 1.54
C LEU A 86 0.72 0.12 1.78
N ALA A 87 0.60 -0.55 2.92
CA ALA A 87 -0.56 -1.40 3.21
C ALA A 87 -1.24 -0.93 4.49
N GLY A 88 -2.11 0.05 4.36
CA GLY A 88 -2.73 0.70 5.52
C GLY A 88 -1.75 1.62 6.22
N PHE A 89 -0.67 1.98 5.53
CA PHE A 89 0.28 2.98 6.03
C PHE A 89 -0.31 4.36 5.82
N MET A 90 -0.46 5.14 6.90
CA MET A 90 -1.27 6.36 6.80
C MET A 90 -0.48 7.67 6.85
N ARG A 91 0.81 7.64 6.49
CA ARG A 91 1.59 8.88 6.42
C ARG A 91 1.79 9.34 4.98
N ILE A 92 1.72 10.64 4.77
CA ILE A 92 2.15 11.24 3.51
C ILE A 92 3.67 11.24 3.42
N LEU A 93 4.22 10.77 2.30
CA LEU A 93 5.67 10.68 2.13
C LEU A 93 6.24 11.91 1.42
N SER A 94 7.45 12.28 1.81
CA SER A 94 8.10 13.46 1.23
C SER A 94 8.44 13.28 -0.23
N GLY A 95 8.51 14.40 -0.94
CA GLY A 95 8.96 14.42 -2.33
C GLY A 95 10.21 13.63 -2.69
N PRO A 96 11.34 13.90 -2.02
N PRO A 96 11.34 13.87 -2.00
CA PRO A 96 12.59 13.19 -2.31
CA PRO A 96 12.58 13.16 -2.34
C PRO A 96 12.49 11.67 -2.14
C PRO A 96 12.48 11.66 -2.14
N PHE A 97 11.79 11.23 -1.09
CA PHE A 97 11.60 9.82 -0.83
C PHE A 97 10.76 9.21 -1.96
N VAL A 98 9.69 9.89 -2.33
CA VAL A 98 8.82 9.44 -3.40
C VAL A 98 9.56 9.38 -4.74
N GLN A 99 10.39 10.39 -5.00
CA GLN A 99 11.11 10.40 -6.27
C GLN A 99 12.15 9.30 -6.31
N LYS A 100 12.80 9.03 -5.18
CA LYS A 100 13.79 7.95 -5.13
C LYS A 100 13.17 6.60 -5.47
N TRP A 101 11.95 6.39 -4.98
CA TRP A 101 11.29 5.09 -5.13
C TRP A 101 10.26 5.11 -6.26
N ASN A 102 10.38 6.09 -7.13
CA ASN A 102 9.45 6.26 -8.25
C ASN A 102 9.42 5.00 -9.09
N GLY A 103 8.24 4.43 -9.28
CA GLY A 103 8.08 3.25 -10.09
C GLY A 103 8.34 1.98 -9.31
N LYS A 104 8.65 2.13 -8.03
N LYS A 104 8.64 2.14 -8.02
CA LYS A 104 8.94 0.97 -7.18
CA LYS A 104 8.99 1.02 -7.15
C LYS A 104 8.11 0.95 -5.90
C LYS A 104 8.13 0.97 -5.89
N MET A 105 7.17 1.88 -5.78
CA MET A 105 6.35 1.95 -4.58
C MET A 105 4.85 1.95 -4.92
N LEU A 106 4.13 1.01 -4.29
CA LEU A 106 2.69 0.79 -4.53
C LEU A 106 1.85 1.15 -3.30
N ASN A 107 0.63 1.63 -3.53
CA ASN A 107 -0.29 1.96 -2.44
C ASN A 107 -1.66 1.38 -2.72
N ILE A 108 -2.37 0.92 -1.68
CA ILE A 108 -3.75 0.48 -1.80
C ILE A 108 -4.64 1.57 -1.23
N HIS A 109 -5.67 1.92 -1.99
CA HIS A 109 -6.59 2.97 -1.59
C HIS A 109 -8.03 2.48 -1.75
N PRO A 110 -8.88 2.67 -0.71
CA PRO A 110 -10.21 2.08 -0.69
C PRO A 110 -11.26 2.93 -1.40
N SER A 111 -10.94 3.39 -2.60
CA SER A 111 -11.95 3.95 -3.51
C SER A 111 -11.52 3.64 -4.93
N LEU A 112 -12.42 3.89 -5.87
CA LEU A 112 -12.04 3.90 -7.28
C LEU A 112 -11.49 5.27 -7.62
N LEU A 113 -10.17 5.44 -7.51
CA LEU A 113 -9.55 6.69 -7.89
C LEU A 113 -9.90 6.98 -9.34
N PRO A 114 -10.10 8.25 -9.71
CA PRO A 114 -9.76 9.43 -8.91
C PRO A 114 -10.84 9.91 -7.93
N SER A 115 -11.93 9.17 -7.75
CA SER A 115 -12.93 9.54 -6.76
C SER A 115 -12.38 9.36 -5.35
N PHE A 116 -12.79 10.28 -4.46
CA PHE A 116 -12.60 10.10 -3.01
C PHE A 116 -11.14 9.89 -2.60
N LYS A 117 -10.28 10.82 -3.03
CA LYS A 117 -8.91 10.82 -2.54
C LYS A 117 -8.88 11.18 -1.06
N GLY A 118 -7.84 10.76 -0.35
CA GLY A 118 -7.68 11.17 1.04
C GLY A 118 -7.85 10.04 2.03
N SER A 119 -7.93 10.38 3.30
CA SER A 119 -7.80 9.39 4.36
C SER A 119 -9.13 8.82 4.83
N ASN A 120 -10.24 9.38 4.34
CA ASN A 120 -11.57 8.91 4.72
C ASN A 120 -12.45 8.58 3.52
N ALA A 121 -11.93 7.75 2.62
CA ALA A 121 -12.62 7.45 1.38
C ALA A 121 -14.04 6.88 1.60
N HIS A 122 -14.22 5.97 2.56
CA HIS A 122 -15.54 5.37 2.78
C HIS A 122 -16.55 6.41 3.24
N GLU A 123 -16.15 7.29 4.16
CA GLU A 123 -17.03 8.37 4.61
C GLU A 123 -17.50 9.22 3.43
N GLN A 124 -16.55 9.55 2.55
CA GLN A 124 -16.85 10.34 1.37
C GLN A 124 -17.81 9.62 0.41
N ALA A 125 -17.53 8.35 0.16
CA ALA A 125 -18.37 7.58 -0.74
C ALA A 125 -19.80 7.50 -0.20
N LEU A 126 -19.93 7.31 1.10
CA LEU A 126 -21.25 7.21 1.72
C LEU A 126 -21.96 8.56 1.71
N GLU A 127 -21.21 9.63 1.99
N GLU A 127 -21.20 9.62 1.99
CA GLU A 127 -21.82 10.96 1.98
CA GLU A 127 -21.74 10.97 1.97
C GLU A 127 -22.28 11.31 0.57
C GLU A 127 -22.25 11.33 0.59
N THR A 128 -21.48 10.96 -0.43
CA THR A 128 -21.79 11.29 -1.83
C THR A 128 -22.97 10.48 -2.36
N GLY A 129 -23.14 9.27 -1.85
CA GLY A 129 -24.26 8.43 -2.24
C GLY A 129 -24.03 7.53 -3.46
N VAL A 130 -22.77 7.21 -3.74
CA VAL A 130 -22.49 6.29 -4.84
C VAL A 130 -23.10 4.92 -4.53
N THR A 131 -23.47 4.16 -5.55
CA THR A 131 -23.88 2.77 -5.34
C THR A 131 -22.79 1.79 -5.75
N VAL A 132 -21.73 2.33 -6.35
CA VAL A 132 -20.55 1.53 -6.67
C VAL A 132 -19.30 2.24 -6.15
N THR A 133 -18.52 1.55 -5.32
CA THR A 133 -17.22 2.09 -4.93
C THR A 133 -16.21 1.02 -5.32
N GLY A 134 -15.09 0.94 -4.62
CA GLY A 134 -14.11 -0.08 -4.93
C GLY A 134 -12.77 0.25 -4.30
N CYS A 135 -11.70 -0.32 -4.85
CA CYS A 135 -10.36 -0.04 -4.36
C CYS A 135 -9.39 0.03 -5.52
N THR A 136 -8.24 0.65 -5.25
CA THR A 136 -7.26 0.96 -6.28
C THR A 136 -5.86 0.66 -5.77
N VAL A 137 -5.07 -0.05 -6.56
CA VAL A 137 -3.62 -0.09 -6.33
C VAL A 137 -2.94 0.83 -7.35
N HIS A 138 -2.10 1.74 -6.88
CA HIS A 138 -1.45 2.68 -7.78
C HIS A 138 0.02 2.88 -7.40
N PHE A 139 0.83 3.27 -8.38
CA PHE A 139 2.17 3.75 -8.05
C PHE A 139 2.07 5.04 -7.24
N VAL A 140 2.95 5.20 -6.27
CA VAL A 140 2.94 6.39 -5.45
C VAL A 140 3.70 7.53 -6.11
N ALA A 141 3.00 8.63 -6.34
CA ALA A 141 3.61 9.86 -6.85
C ALA A 141 3.57 10.91 -5.74
N GLU A 142 4.21 12.05 -5.93
N GLU A 142 4.20 12.06 -5.96
CA GLU A 142 4.26 13.02 -4.82
CA GLU A 142 4.29 13.09 -4.93
C GLU A 142 2.87 13.51 -4.47
C GLU A 142 2.91 13.59 -4.54
N ASP A 143 2.07 13.80 -5.50
N ASP A 143 2.06 13.82 -5.53
CA ASP A 143 0.68 14.17 -5.29
CA ASP A 143 0.67 14.21 -5.26
C ASP A 143 -0.11 12.98 -4.77
C ASP A 143 -0.10 12.99 -4.76
N VAL A 144 -0.72 13.13 -3.59
CA VAL A 144 -1.36 12.01 -2.91
C VAL A 144 -2.53 11.41 -3.72
N ASP A 145 -2.50 10.09 -3.87
CA ASP A 145 -3.54 9.33 -4.57
C ASP A 145 -3.70 9.73 -6.03
N ALA A 146 -2.62 10.25 -6.63
CA ALA A 146 -2.68 10.71 -8.03
C ALA A 146 -1.74 9.92 -8.94
N GLY A 147 -0.95 9.02 -8.37
CA GLY A 147 -0.01 8.23 -9.16
C GLY A 147 -0.68 7.24 -10.10
N GLN A 148 0.11 6.60 -10.96
CA GLN A 148 -0.43 5.74 -12.00
C GLN A 148 -1.13 4.49 -11.48
N ILE A 149 -2.32 4.27 -12.01
CA ILE A 149 -3.18 3.19 -11.55
C ILE A 149 -2.73 1.86 -12.14
N ILE A 150 -2.61 0.87 -11.28
CA ILE A 150 -2.20 -0.46 -11.71
C ILE A 150 -3.41 -1.38 -11.85
N LEU A 151 -4.17 -1.54 -10.76
CA LEU A 151 -5.38 -2.38 -10.79
C LEU A 151 -6.47 -1.72 -9.98
N GLN A 152 -7.72 -2.06 -10.30
CA GLN A 152 -8.87 -1.59 -9.53
C GLN A 152 -9.89 -2.69 -9.50
N GLU A 153 -10.75 -2.67 -8.49
CA GLU A 153 -11.89 -3.58 -8.45
C GLU A 153 -13.09 -2.87 -7.86
N ALA A 154 -14.22 -2.95 -8.55
CA ALA A 154 -15.46 -2.34 -8.08
C ALA A 154 -16.14 -3.17 -7.02
N VAL A 155 -16.79 -2.48 -6.08
CA VAL A 155 -17.48 -3.11 -4.96
C VAL A 155 -18.79 -2.36 -4.76
N PRO A 156 -19.92 -3.09 -4.67
CA PRO A 156 -21.19 -2.39 -4.50
C PRO A 156 -21.34 -1.77 -3.12
N VAL A 157 -22.03 -0.64 -3.07
CA VAL A 157 -22.50 -0.05 -1.81
C VAL A 157 -23.92 -0.54 -1.62
N LYS A 158 -24.19 -1.08 -0.43
CA LYS A 158 -25.53 -1.56 -0.12
C LYS A 158 -26.27 -0.53 0.72
N ARG A 159 -27.59 -0.45 0.52
N ARG A 159 -27.58 -0.42 0.53
CA ARG A 159 -28.46 0.38 1.34
CA ARG A 159 -28.33 0.57 1.28
C ARG A 159 -28.17 0.15 2.81
C ARG A 159 -28.27 0.21 2.76
N GLY A 160 -28.00 1.23 3.58
CA GLY A 160 -27.80 1.07 5.00
C GLY A 160 -26.33 0.86 5.37
N ASP A 161 -25.45 0.83 4.38
CA ASP A 161 -24.02 0.61 4.66
C ASP A 161 -23.46 1.66 5.61
N THR A 162 -22.51 1.24 6.42
CA THR A 162 -21.74 2.14 7.25
C THR A 162 -20.30 1.99 6.84
N VAL A 163 -19.43 2.82 7.40
CA VAL A 163 -17.99 2.62 7.20
C VAL A 163 -17.61 1.19 7.61
N ALA A 164 -18.19 0.70 8.70
CA ALA A 164 -17.89 -0.66 9.14
C ALA A 164 -18.23 -1.72 8.09
N THR A 165 -19.46 -1.69 7.56
CA THR A 165 -19.88 -2.75 6.64
C THR A 165 -19.27 -2.54 5.24
N LEU A 166 -19.14 -1.29 4.84
CA LEU A 166 -18.58 -1.02 3.50
C LEU A 166 -17.06 -1.35 3.47
N SER A 167 -16.32 -0.93 4.49
N SER A 167 -16.32 -0.92 4.49
CA SER A 167 -14.87 -1.18 4.51
CA SER A 167 -14.88 -1.19 4.51
C SER A 167 -14.61 -2.70 4.53
C SER A 167 -14.60 -2.69 4.54
N GLU A 168 -15.48 -3.43 5.22
CA GLU A 168 -15.36 -4.89 5.27
C GLU A 168 -15.50 -5.50 3.87
N ARG A 169 -16.51 -5.05 3.14
CA ARG A 169 -16.74 -5.59 1.79
C ARG A 169 -15.58 -5.19 0.86
N VAL A 170 -15.11 -3.96 0.98
CA VAL A 170 -14.08 -3.46 0.07
C VAL A 170 -12.75 -4.15 0.38
N LYS A 171 -12.52 -4.48 1.64
CA LYS A 171 -11.26 -5.15 2.01
C LYS A 171 -11.14 -6.52 1.34
N LEU A 172 -12.26 -7.20 1.10
CA LEU A 172 -12.19 -8.46 0.36
C LEU A 172 -11.60 -8.29 -1.04
N ALA A 173 -11.93 -7.17 -1.69
CA ALA A 173 -11.38 -6.85 -3.00
C ALA A 173 -9.92 -6.38 -2.91
N GLU A 174 -9.62 -5.59 -1.88
CA GLU A 174 -8.23 -5.12 -1.65
C GLU A 174 -7.29 -6.31 -1.57
N HIS A 175 -7.75 -7.36 -0.87
CA HIS A 175 -6.93 -8.54 -0.65
C HIS A 175 -6.73 -9.35 -1.91
N LYS A 176 -7.51 -9.03 -2.93
N LYS A 176 -7.49 -9.04 -2.95
CA LYS A 176 -7.35 -9.64 -4.26
CA LYS A 176 -7.32 -9.66 -4.25
C LYS A 176 -6.40 -8.82 -5.11
C LYS A 176 -6.39 -8.82 -5.12
N ILE A 177 -6.68 -7.53 -5.27
CA ILE A 177 -5.90 -6.75 -6.21
C ILE A 177 -4.54 -6.34 -5.69
N PHE A 178 -4.33 -6.22 -4.38
CA PHE A 178 -2.98 -5.82 -3.94
C PHE A 178 -1.97 -6.93 -4.29
N PRO A 179 -2.28 -8.20 -3.93
CA PRO A 179 -1.33 -9.25 -4.32
C PRO A 179 -1.15 -9.36 -5.82
N ALA A 180 -2.24 -9.23 -6.57
CA ALA A 180 -2.14 -9.32 -8.01
C ALA A 180 -1.23 -8.20 -8.58
N ALA A 181 -1.41 -6.99 -8.06
CA ALA A 181 -0.62 -5.84 -8.53
C ALA A 181 0.83 -6.01 -8.16
N LEU A 182 1.10 -6.48 -6.94
CA LEU A 182 2.49 -6.69 -6.54
C LEU A 182 3.17 -7.70 -7.46
N GLN A 183 2.45 -8.76 -7.80
CA GLN A 183 3.02 -9.79 -8.67
C GLN A 183 3.31 -9.22 -10.07
N LEU A 184 2.42 -8.36 -10.57
CA LEU A 184 2.64 -7.73 -11.88
C LEU A 184 3.90 -6.89 -11.91
N VAL A 185 4.12 -6.11 -10.85
CA VAL A 185 5.30 -5.25 -10.79
C VAL A 185 6.56 -6.07 -10.53
N ALA A 186 6.49 -7.00 -9.57
CA ALA A 186 7.67 -7.77 -9.20
C ALA A 186 8.17 -8.68 -10.33
N SER A 187 7.25 -9.13 -11.17
N SER A 187 7.25 -9.12 -11.18
CA SER A 187 7.60 -9.99 -12.30
CA SER A 187 7.61 -9.97 -12.31
C SER A 187 8.10 -9.16 -13.49
C SER A 187 8.15 -9.15 -13.48
N GLY A 188 7.97 -7.84 -13.41
CA GLY A 188 8.38 -6.95 -14.48
C GLY A 188 7.35 -6.87 -15.59
N THR A 189 6.15 -7.39 -15.33
CA THR A 189 5.07 -7.39 -16.30
C THR A 189 4.52 -5.98 -16.50
N VAL A 190 4.46 -5.24 -15.41
CA VAL A 190 3.98 -3.87 -15.41
C VAL A 190 5.07 -2.97 -14.87
N GLN A 191 5.32 -1.85 -15.54
CA GLN A 191 6.24 -0.88 -14.99
C GLN A 191 5.71 0.52 -15.25
N LEU A 192 6.23 1.48 -14.51
CA LEU A 192 5.94 2.86 -14.77
C LEU A 192 6.74 3.27 -16.01
N GLY A 193 6.07 3.80 -17.02
CA GLY A 193 6.75 4.17 -18.25
C GLY A 193 7.57 5.44 -18.11
N GLU A 194 8.53 5.64 -19.00
CA GLU A 194 9.35 6.85 -19.04
C GLU A 194 8.48 8.09 -19.23
N ASN A 195 7.38 7.92 -19.97
CA ASN A 195 6.38 8.97 -20.14
C ASN A 195 5.46 9.09 -18.94
N GLY A 196 5.74 8.30 -17.90
CA GLY A 196 4.99 8.36 -16.67
C GLY A 196 3.64 7.67 -16.72
N LYS A 197 3.38 6.92 -17.78
CA LYS A 197 2.15 6.15 -17.90
C LYS A 197 2.44 4.67 -17.66
N ILE A 198 1.42 3.90 -17.27
CA ILE A 198 1.59 2.47 -17.03
C ILE A 198 2.04 1.75 -18.31
N CYS A 199 3.07 0.92 -18.20
CA CYS A 199 3.57 0.13 -19.34
C CYS A 199 3.38 -1.36 -19.06
N TRP A 200 2.60 -2.04 -19.90
CA TRP A 200 2.46 -3.48 -19.80
C TRP A 200 3.42 -4.17 -20.74
N VAL A 201 4.48 -4.75 -20.17
CA VAL A 201 5.49 -5.49 -20.94
C VAL A 201 5.04 -6.93 -21.22
C1 GAR B . -7.34 -0.51 4.00
O6 GAR B . -8.74 -0.49 3.71
C2 GAR B . -6.66 0.47 3.09
O8 GAR B . -7.26 0.55 1.81
C3 GAR B . -6.86 1.79 3.83
O4 GAR B . -6.67 1.43 5.20
C5 GAR B . -7.09 0.07 5.39
C10 GAR B . -6.00 -0.70 6.11
O12 GAR B . -6.43 -2.01 6.48
N19 GAR B . -5.90 2.76 3.38
C21 GAR B . -6.23 4.03 3.16
O22 GAR B . -7.33 4.50 3.44
C23 GAR B . -5.12 4.85 2.56
N24 GAR B . -5.59 6.15 2.11
P15 GAR B . -5.37 -3.15 6.91
O16 GAR B . -4.61 -3.39 5.64
O17 GAR B . -6.26 -4.27 7.42
O18 GAR B . -4.50 -2.53 8.01
N1 3YC C . 2.42 9.96 -0.02
C2 3YC C . 2.50 10.55 -1.21
N3 3YC C . 1.70 10.13 -2.22
C4 3YC C . 0.81 9.14 -2.06
N5 3YC C . 1.32 8.25 1.30
C6 3YC C . 0.35 7.35 1.06
C7 3YC C . -0.06 7.47 -0.26
C8 3YC C . 0.72 8.52 -0.82
C9 3YC C . 1.56 8.97 0.20
O10 3YC C . 0.10 8.81 -3.01
N11 3YC C . 3.43 11.61 -1.43
C12 3YC C . -2.88 10.09 4.81
C13 3YC C . -3.14 11.47 4.92
C14 3YC C . -3.86 12.04 3.91
S15 3YC C . -4.16 10.75 2.82
C16 3YC C . -3.39 9.52 3.69
C17 3YC C . -2.67 12.23 6.05
O18 3YC C . -3.05 13.38 6.22
N19 3YC C . -1.73 11.62 6.95
C20 3YC C . -1.21 12.25 8.03
C21 3YC C . -0.99 11.30 9.06
C22 3YC C . -2.16 11.24 9.98
C23 3YC C . -2.11 9.95 10.73
O24 3YC C . -1.07 9.62 11.38
O25 3YC C . -3.11 9.18 10.72
C26 3YC C . 0.04 12.83 7.70
O27 3YC C . 0.31 14.00 8.11
O28 3YC C . 0.89 12.21 7.01
C29 3YC C . -0.17 6.38 2.05
C30 3YC C . -1.62 6.64 2.24
C31 3YC C . -1.79 7.85 3.08
C32 3YC C . -3.25 8.09 3.30
#